data_2WV9
#
_entry.id   2WV9
#
_cell.length_a   41.910
_cell.length_b   105.460
_cell.length_c   80.068
_cell.angle_alpha   90.00
_cell.angle_beta   97.42
_cell.angle_gamma   90.00
#
_symmetry.space_group_name_H-M   'P 1 21 1'
#
loop_
_entity.id
_entity.type
_entity.pdbx_description
1 polymer 'FLAVIVIRIN PROTEASE NS2B REGULATORY SUBUNIT, FLAVIVIRIN PROTEASE NS3 CATALYTIC SUBUNIT'
2 water water
#
_entity_poly.entity_id   1
_entity_poly.type   'polypeptide(L)'
_entity_poly.pdbx_seq_one_letter_code
;ATDMWLERAADVSWEAGAAITGTSERLDVQLDDDGDFHLLNDPGVGGGGSGGGGGGVFWDTPSPKVYPKGDTTPGVYRIM
ARGILGRYQAGVGVMHEGVFHTLWHTTRGAAIMSGEGRLTPYWGNVKEDRVTYGGPWKLDQKWNGVDDVQMIVVEPGKPA
INVQTKPGIFKTAHGEIGAVSLDYPIGTSGSPIVNSNGEIIGLYGNGVILGNGAYVSAIVQGERVEEPVPEAYNPEMLKK
RQLTVLDLHPGAGKTRRILPQIIKDAIQKRLRTAVLAPTRVVAAEMAEALRGLPVRYLTPAVQREHSGNEIVDVMCHATL
THRLMSPLRVPNYNLFVMDEAHFTDPASIAARGYIATRVEAGEAAAIFMTATPPGTSDPFPDTNSPVHDVSSEIPDRAWS
SGFEWITDYAGKTVWFVASVKMSNEIAQCLQRAGKRVIQLNRKSYDTEYPKCKNGDWDFVITTDISEMGANFGASRVIDC
RKSVKPTILDEGEGRVILSVPSAITSASAAQRRGRVGRNPSQIGDEYHYGGGTSEDDTMLAHWTEAKILLDNIHLPNGLV
AQLYGPERDKTYTMDGEYRLRGEERKTFLELIKTADLPVWLAYKVASNGIQYNDRKWCFDGPRSNIILEDNNEVEIITRI
GERKVLKPRWLDARVYSDHQSLKWFKDFAAGKR
;
_entity_poly.pdbx_strand_id   A
#
# COMPACT_ATOMS: atom_id res chain seq x y z
N ALA A 1 48.68 -15.89 28.03
CA ALA A 1 47.54 -16.09 28.98
C ALA A 1 46.57 -17.20 28.53
N THR A 2 45.54 -17.45 29.33
CA THR A 2 44.49 -18.40 28.98
C THR A 2 43.47 -17.72 28.06
N ASP A 3 43.04 -16.53 28.44
CA ASP A 3 42.09 -15.74 27.63
C ASP A 3 42.77 -14.95 26.49
N MET A 4 41.95 -14.43 25.59
CA MET A 4 42.42 -13.92 24.30
C MET A 4 42.82 -12.43 24.30
N TRP A 5 43.46 -12.00 23.21
CA TRP A 5 43.87 -10.60 23.03
C TRP A 5 43.68 -10.13 21.57
N LEU A 6 43.83 -8.82 21.34
CA LEU A 6 43.55 -8.23 20.02
C LEU A 6 44.78 -7.68 19.31
N GLU A 7 44.80 -7.82 17.98
CA GLU A 7 45.84 -7.24 17.13
C GLU A 7 45.26 -6.64 15.85
N ARG A 8 45.46 -5.33 15.69
CA ARG A 8 44.92 -4.56 14.56
C ARG A 8 45.50 -5.01 13.22
N ALA A 9 44.60 -5.34 12.29
CA ALA A 9 45.00 -5.78 10.96
C ALA A 9 44.80 -4.68 9.92
N ALA A 10 43.63 -4.06 9.92
CA ALA A 10 43.27 -3.03 8.94
C ALA A 10 42.19 -2.08 9.45
N ASP A 11 41.89 -1.07 8.65
CA ASP A 11 40.83 -0.10 8.94
C ASP A 11 39.51 -0.56 8.30
N VAL A 12 38.45 0.20 8.55
CA VAL A 12 37.15 -0.07 7.95
C VAL A 12 36.91 0.91 6.80
N SER A 13 37.24 0.48 5.59
CA SER A 13 37.09 1.30 4.40
C SER A 13 36.84 0.45 3.16
N TRP A 14 36.17 1.04 2.18
CA TRP A 14 36.04 0.47 0.85
C TRP A 14 37.30 0.86 0.08
N GLU A 15 37.87 -0.10 -0.66
CA GLU A 15 39.12 0.13 -1.38
C GLU A 15 38.98 -0.21 -2.86
N ALA A 16 39.62 0.60 -3.71
CA ALA A 16 39.54 0.44 -5.16
C ALA A 16 40.32 -0.78 -5.66
N GLY A 17 39.69 -1.55 -6.54
CA GLY A 17 40.32 -2.75 -7.13
C GLY A 17 39.71 -4.07 -6.68
N ALA A 18 40.27 -5.17 -7.17
CA ALA A 18 39.81 -6.52 -6.82
C ALA A 18 40.49 -7.05 -5.57
N ALA A 19 41.80 -6.85 -5.48
CA ALA A 19 42.59 -7.27 -4.33
C ALA A 19 43.70 -6.25 -4.04
N ILE A 20 43.75 -5.78 -2.79
CA ILE A 20 44.74 -4.80 -2.37
C ILE A 20 45.43 -5.18 -1.06
N THR A 21 46.72 -4.84 -0.96
CA THR A 21 47.55 -5.06 0.23
C THR A 21 47.24 -6.35 1.01
N THR A 72 40.33 2.29 22.53
CA THR A 72 39.56 1.44 21.57
C THR A 72 39.47 2.11 20.19
N THR A 73 40.60 2.15 19.49
CA THR A 73 40.70 2.74 18.16
C THR A 73 39.84 1.95 17.14
N PRO A 74 39.00 2.66 16.36
CA PRO A 74 38.07 1.97 15.46
C PRO A 74 38.77 1.28 14.30
N GLY A 75 38.42 0.02 14.07
CA GLY A 75 38.99 -0.76 12.98
C GLY A 75 38.86 -2.26 13.14
N VAL A 76 39.61 -2.99 12.32
CA VAL A 76 39.52 -4.45 12.26
C VAL A 76 40.63 -5.08 13.11
N TYR A 77 40.29 -6.10 13.88
CA TYR A 77 41.23 -6.75 14.79
C TYR A 77 41.24 -8.28 14.68
N ARG A 78 42.43 -8.87 14.74
CA ARG A 78 42.59 -10.31 14.87
C ARG A 78 42.27 -10.72 16.29
N ILE A 79 41.55 -11.82 16.45
CA ILE A 79 41.29 -12.37 17.78
C ILE A 79 42.23 -13.57 17.99
N MET A 80 43.25 -13.34 18.81
CA MET A 80 44.35 -14.30 18.99
C MET A 80 44.22 -15.04 20.32
N ALA A 81 44.44 -16.35 20.29
CA ALA A 81 44.32 -17.19 21.47
C ALA A 81 45.58 -18.03 21.74
N ARG A 82 45.61 -18.70 22.89
CA ARG A 82 46.72 -19.57 23.27
C ARG A 82 46.22 -20.94 23.73
N GLY A 83 46.67 -21.98 23.04
CA GLY A 83 46.38 -23.35 23.44
C GLY A 83 47.61 -24.02 24.03
N ILE A 84 47.60 -25.36 24.06
CA ILE A 84 48.77 -26.13 24.46
C ILE A 84 49.70 -26.26 23.27
N LEU A 85 49.12 -26.34 22.07
CA LEU A 85 49.87 -26.52 20.82
C LEU A 85 50.42 -25.21 20.22
N GLY A 86 50.11 -24.08 20.84
CA GLY A 86 50.69 -22.80 20.44
C GLY A 86 49.70 -21.66 20.20
N ARG A 87 50.23 -20.51 19.80
CA ARG A 87 49.42 -19.36 19.44
C ARG A 87 48.67 -19.59 18.14
N TYR A 88 47.44 -19.09 18.07
CA TYR A 88 46.65 -19.13 16.84
C TYR A 88 45.68 -17.96 16.74
N GLN A 89 44.99 -17.84 15.61
CA GLN A 89 43.94 -16.84 15.43
C GLN A 89 42.59 -17.50 15.55
N ALA A 90 41.81 -17.07 16.54
CA ALA A 90 40.50 -17.64 16.81
C ALA A 90 39.41 -17.06 15.92
N GLY A 91 39.59 -15.81 15.51
CA GLY A 91 38.59 -15.11 14.70
C GLY A 91 38.95 -13.67 14.39
N VAL A 92 38.02 -12.97 13.76
CA VAL A 92 38.19 -11.56 13.41
C VAL A 92 37.03 -10.74 13.99
N GLY A 93 37.27 -9.47 14.23
CA GLY A 93 36.24 -8.59 14.75
C GLY A 93 36.48 -7.13 14.40
N VAL A 94 35.44 -6.31 14.58
CA VAL A 94 35.50 -4.90 14.23
C VAL A 94 35.02 -3.98 15.36
N MET A 95 35.86 -2.99 15.69
CA MET A 95 35.55 -1.99 16.70
C MET A 95 34.84 -0.80 16.05
N HIS A 96 33.58 -0.58 16.44
CA HIS A 96 32.79 0.53 15.89
C HIS A 96 31.96 1.22 16.97
N GLU A 97 32.20 2.53 17.12
CA GLU A 97 31.58 3.36 18.15
C GLU A 97 31.76 2.81 19.56
N GLY A 98 33.01 2.47 19.88
CA GLY A 98 33.40 2.02 21.22
C GLY A 98 33.08 0.57 21.53
N VAL A 99 32.48 -0.13 20.57
CA VAL A 99 32.06 -1.52 20.77
C VAL A 99 32.78 -2.46 19.80
N PHE A 100 33.36 -3.52 20.36
CA PHE A 100 33.93 -4.59 19.56
C PHE A 100 32.85 -5.61 19.24
N HIS A 101 32.65 -5.85 17.95
CA HIS A 101 31.65 -6.81 17.47
C HIS A 101 32.33 -8.03 16.86
N THR A 102 31.85 -9.21 17.23
CA THR A 102 32.32 -10.46 16.63
C THR A 102 31.28 -11.58 16.78
N LEU A 103 31.64 -12.77 16.32
CA LEU A 103 30.74 -13.92 16.34
C LEU A 103 30.94 -14.75 17.60
N TRP A 104 29.83 -15.26 18.15
CA TRP A 104 29.86 -16.06 19.38
C TRP A 104 30.82 -17.25 19.30
N HIS A 105 30.85 -17.91 18.15
CA HIS A 105 31.74 -19.04 17.92
C HIS A 105 33.21 -18.71 18.21
N THR A 106 33.63 -17.51 17.80
CA THR A 106 35.01 -17.05 17.93
C THR A 106 35.59 -17.20 19.34
N THR A 107 34.87 -16.68 20.33
CA THR A 107 35.39 -16.59 21.69
C THR A 107 34.78 -17.60 22.65
N ARG A 108 33.59 -18.09 22.29
CA ARG A 108 32.81 -19.01 23.15
C ARG A 108 32.58 -18.43 24.56
N GLY A 109 32.51 -17.10 24.64
CA GLY A 109 32.24 -16.42 25.90
C GLY A 109 33.47 -16.15 26.76
N ALA A 110 34.64 -16.16 26.14
CA ALA A 110 35.88 -15.84 26.84
C ALA A 110 36.06 -14.32 26.95
N ALA A 111 37.02 -13.91 27.77
CA ALA A 111 37.35 -12.50 27.93
C ALA A 111 38.43 -12.08 26.95
N ILE A 112 38.39 -10.81 26.53
CA ILE A 112 39.40 -10.29 25.61
C ILE A 112 40.14 -9.09 26.22
N MET A 113 41.45 -9.27 26.40
CA MET A 113 42.31 -8.16 26.80
C MET A 113 42.60 -7.29 25.58
N SER A 114 42.21 -6.02 25.66
CA SER A 114 42.55 -5.06 24.62
C SER A 114 43.90 -4.41 24.95
N GLY A 115 44.26 -3.35 24.21
CA GLY A 115 45.51 -2.63 24.44
C GLY A 115 45.76 -2.34 25.92
N GLU A 116 44.74 -1.79 26.57
CA GLU A 116 44.75 -1.52 28.00
C GLU A 116 43.44 -1.98 28.63
N GLY A 117 43.54 -2.84 29.64
CA GLY A 117 42.35 -3.30 30.38
C GLY A 117 41.60 -4.43 29.73
N ARG A 118 40.88 -5.19 30.55
CA ARG A 118 40.20 -6.41 30.13
C ARG A 118 38.69 -6.19 29.91
N LEU A 119 38.15 -6.88 28.90
CA LEU A 119 36.72 -6.81 28.59
C LEU A 119 36.09 -8.21 28.52
N THR A 120 34.91 -8.34 29.13
CA THR A 120 34.12 -9.57 29.06
C THR A 120 32.85 -9.32 28.23
N PRO A 121 32.17 -10.39 27.78
CA PRO A 121 30.95 -10.22 26.98
C PRO A 121 29.91 -9.33 27.63
N TYR A 122 29.45 -8.33 26.88
CA TYR A 122 28.39 -7.42 27.33
C TYR A 122 27.03 -7.95 26.89
N TRP A 123 26.96 -8.41 25.63
CA TRP A 123 25.76 -8.97 25.05
C TRP A 123 26.13 -10.13 24.12
N GLY A 124 25.20 -11.06 23.93
CA GLY A 124 25.42 -12.20 23.04
C GLY A 124 24.19 -13.01 22.71
N ASN A 125 24.32 -13.87 21.69
CA ASN A 125 23.29 -14.83 21.32
C ASN A 125 23.91 -16.02 20.59
N VAL A 126 23.71 -17.21 21.15
CA VAL A 126 24.29 -18.45 20.61
C VAL A 126 23.66 -18.83 19.26
N LYS A 127 22.33 -18.91 19.23
CA LYS A 127 21.57 -19.22 18.03
C LYS A 127 21.86 -18.25 16.89
N GLU A 128 22.09 -16.98 17.24
CA GLU A 128 22.39 -15.94 16.26
C GLU A 128 23.88 -15.84 15.94
N ASP A 129 24.70 -16.45 16.80
CA ASP A 129 26.17 -16.46 16.66
C ASP A 129 26.76 -15.04 16.72
N ARG A 130 26.27 -14.25 17.66
CA ARG A 130 26.72 -12.86 17.84
C ARG A 130 27.15 -12.59 19.28
N VAL A 131 28.10 -11.67 19.44
CA VAL A 131 28.61 -11.26 20.75
C VAL A 131 29.30 -9.89 20.67
N THR A 132 29.17 -9.10 21.73
CA THR A 132 29.78 -7.76 21.78
C THR A 132 30.64 -7.55 23.01
N TYR A 133 31.66 -6.70 22.87
CA TYR A 133 32.54 -6.35 23.96
C TYR A 133 32.62 -4.83 24.13
N GLY A 134 32.14 -4.34 25.27
CA GLY A 134 32.19 -2.92 25.61
C GLY A 134 30.92 -2.16 25.28
N GLY A 135 29.79 -2.86 25.33
CA GLY A 135 28.51 -2.26 25.00
C GLY A 135 27.70 -3.09 24.01
N PRO A 136 26.54 -2.56 23.57
CA PRO A 136 25.62 -3.29 22.70
C PRO A 136 25.98 -3.29 21.21
N TRP A 137 25.31 -4.15 20.44
CA TRP A 137 25.49 -4.29 19.01
C TRP A 137 25.04 -3.00 18.31
N LYS A 138 25.96 -2.39 17.57
CA LYS A 138 25.73 -1.06 17.00
C LYS A 138 25.71 -1.03 15.48
N LEU A 139 25.88 -2.19 14.87
CA LEU A 139 25.83 -2.32 13.42
C LEU A 139 24.40 -2.64 12.98
N ASP A 140 23.87 -1.83 12.07
CA ASP A 140 22.48 -1.95 11.63
C ASP A 140 22.28 -1.77 10.12
N GLN A 141 23.37 -1.56 9.39
CA GLN A 141 23.29 -1.34 7.94
C GLN A 141 23.10 -2.66 7.17
N LYS A 142 22.19 -2.63 6.21
CA LYS A 142 21.83 -3.83 5.44
C LYS A 142 22.32 -3.77 4.00
N TRP A 143 22.65 -4.94 3.46
CA TRP A 143 23.02 -5.09 2.05
C TRP A 143 21.82 -4.97 1.14
N ASN A 144 21.98 -4.25 0.04
CA ASN A 144 20.96 -4.17 -0.99
C ASN A 144 21.27 -5.10 -2.17
N GLY A 145 20.27 -5.85 -2.60
CA GLY A 145 20.44 -6.82 -3.70
C GLY A 145 20.93 -6.18 -4.99
N VAL A 146 21.71 -6.94 -5.75
CA VAL A 146 22.25 -6.49 -7.05
C VAL A 146 23.48 -5.56 -6.88
N ASP A 147 24.06 -5.55 -5.68
CA ASP A 147 25.20 -4.68 -5.41
C ASP A 147 26.41 -5.45 -4.85
N ASP A 148 27.57 -5.21 -5.46
CA ASP A 148 28.83 -5.80 -5.01
C ASP A 148 29.28 -5.16 -3.70
N VAL A 149 29.86 -6.00 -2.85
CA VAL A 149 30.37 -5.57 -1.56
C VAL A 149 31.84 -5.98 -1.40
N GLN A 150 32.51 -5.43 -0.39
CA GLN A 150 33.91 -5.76 -0.13
C GLN A 150 34.13 -6.32 1.28
N MET A 151 34.65 -7.55 1.34
CA MET A 151 35.05 -8.18 2.58
C MET A 151 36.49 -7.80 2.89
N ILE A 152 36.73 -7.36 4.12
CA ILE A 152 38.08 -7.11 4.61
C ILE A 152 38.60 -8.42 5.19
N VAL A 153 39.32 -9.17 4.37
CA VAL A 153 39.77 -10.52 4.69
C VAL A 153 40.99 -10.48 5.60
N VAL A 154 40.79 -10.91 6.83
CA VAL A 154 41.86 -11.06 7.79
C VAL A 154 42.05 -12.55 8.08
N GLU A 155 42.84 -13.19 7.23
CA GLU A 155 43.10 -14.63 7.29
C GLU A 155 44.32 -14.92 8.17
N PRO A 156 44.25 -15.97 9.01
CA PRO A 156 45.36 -16.37 9.88
C PRO A 156 46.70 -16.48 9.15
N GLY A 157 47.66 -15.64 9.54
CA GLY A 157 48.99 -15.64 8.95
C GLY A 157 49.18 -14.65 7.81
N LYS A 158 48.11 -14.42 7.05
CA LYS A 158 48.16 -13.55 5.88
C LYS A 158 47.77 -12.12 6.26
N PRO A 159 48.39 -11.11 5.59
CA PRO A 159 48.03 -9.72 5.83
C PRO A 159 46.62 -9.38 5.34
N ALA A 160 46.07 -8.28 5.83
CA ALA A 160 44.69 -7.90 5.52
C ALA A 160 44.51 -7.51 4.05
N ILE A 161 43.59 -8.18 3.39
CA ILE A 161 43.33 -8.00 1.97
C ILE A 161 41.83 -7.80 1.72
N ASN A 162 41.49 -6.81 0.91
CA ASN A 162 40.10 -6.57 0.52
C ASN A 162 39.71 -7.41 -0.69
N VAL A 163 38.56 -8.07 -0.61
CA VAL A 163 38.10 -8.96 -1.68
C VAL A 163 36.64 -8.69 -2.06
N GLN A 164 36.44 -8.23 -3.29
CA GLN A 164 35.12 -7.89 -3.81
C GLN A 164 34.45 -9.12 -4.42
N THR A 165 33.16 -9.29 -4.13
CA THR A 165 32.34 -10.35 -4.71
C THR A 165 30.87 -9.96 -4.83
N LYS A 166 30.10 -10.78 -5.55
CA LYS A 166 28.66 -10.61 -5.65
C LYS A 166 27.96 -11.72 -4.86
N PRO A 167 27.25 -11.32 -3.78
CA PRO A 167 26.53 -12.28 -2.93
C PRO A 167 25.32 -12.93 -3.61
N GLY A 168 24.95 -14.11 -3.11
CA GLY A 168 23.73 -14.81 -3.52
C GLY A 168 22.70 -14.74 -2.42
N ILE A 169 21.73 -15.66 -2.46
CA ILE A 169 20.60 -15.64 -1.51
C ILE A 169 20.31 -17.02 -0.91
N PHE A 170 20.11 -17.04 0.41
CA PHE A 170 19.60 -18.23 1.12
C PHE A 170 18.13 -18.02 1.48
N LYS A 171 17.32 -19.04 1.23
CA LYS A 171 15.91 -19.02 1.61
C LYS A 171 15.71 -19.63 3.00
N THR A 172 15.94 -18.82 4.02
CA THR A 172 15.85 -19.24 5.43
C THR A 172 14.44 -19.08 6.00
N ALA A 173 14.29 -19.40 7.29
CA ALA A 173 12.99 -19.36 7.97
C ALA A 173 12.45 -17.94 8.15
N HIS A 174 13.33 -17.00 8.46
CA HIS A 174 12.93 -15.60 8.67
C HIS A 174 13.49 -14.68 7.58
N GLY A 175 12.66 -14.42 6.58
CA GLY A 175 13.05 -13.62 5.41
C GLY A 175 14.00 -14.38 4.50
N GLU A 176 14.87 -13.64 3.83
CA GLU A 176 15.92 -14.23 3.00
C GLU A 176 17.28 -13.80 3.51
N ILE A 177 18.22 -14.74 3.58
CA ILE A 177 19.56 -14.47 4.12
C ILE A 177 20.62 -14.33 3.02
N GLY A 178 21.46 -13.30 3.14
CA GLY A 178 22.54 -13.04 2.19
C GLY A 178 23.65 -14.06 2.25
N ALA A 179 24.29 -14.29 1.10
CA ALA A 179 25.24 -15.38 0.94
C ALA A 179 26.49 -14.98 0.16
N VAL A 180 27.63 -14.95 0.84
CA VAL A 180 28.91 -14.69 0.19
C VAL A 180 29.58 -16.02 -0.19
N SER A 181 29.97 -16.16 -1.46
CA SER A 181 30.60 -17.39 -1.95
C SER A 181 32.12 -17.29 -1.88
N LEU A 182 32.65 -17.29 -0.67
CA LEU A 182 34.10 -17.23 -0.44
C LEU A 182 34.55 -18.29 0.55
N ASP A 183 35.53 -19.09 0.14
CA ASP A 183 36.05 -20.16 0.97
C ASP A 183 37.31 -19.72 1.71
N TYR A 184 37.21 -19.64 3.03
CA TYR A 184 38.32 -19.23 3.87
C TYR A 184 38.41 -20.06 5.15
N PRO A 185 39.64 -20.24 5.68
CA PRO A 185 39.81 -21.01 6.92
C PRO A 185 39.12 -20.36 8.12
N ILE A 186 38.64 -21.18 9.04
CA ILE A 186 37.74 -20.76 10.14
C ILE A 186 38.23 -19.59 10.99
N GLY A 187 39.55 -19.35 11.00
CA GLY A 187 40.12 -18.19 11.70
C GLY A 187 39.68 -16.87 11.09
N THR A 188 39.32 -16.90 9.81
CA THR A 188 38.86 -15.72 9.09
C THR A 188 37.44 -15.27 9.49
N SER A 189 36.72 -16.14 10.21
CA SER A 189 35.34 -15.85 10.64
C SER A 189 35.23 -14.58 11.48
N GLY A 190 34.35 -13.68 11.07
CA GLY A 190 34.17 -12.40 11.74
C GLY A 190 34.63 -11.20 10.92
N SER A 191 35.37 -11.46 9.85
CA SER A 191 35.83 -10.42 8.94
C SER A 191 34.65 -9.62 8.41
N PRO A 192 34.71 -8.28 8.54
CA PRO A 192 33.58 -7.44 8.18
C PRO A 192 33.39 -7.25 6.67
N ILE A 193 32.15 -7.13 6.25
CA ILE A 193 31.83 -6.91 4.85
C ILE A 193 31.22 -5.51 4.72
N VAL A 194 31.83 -4.69 3.87
CA VAL A 194 31.50 -3.26 3.81
C VAL A 194 30.87 -2.79 2.49
N ASN A 195 30.08 -1.71 2.60
CA ASN A 195 29.47 -1.04 1.47
C ASN A 195 30.47 -0.28 0.61
N SER A 196 29.97 0.26 -0.50
CA SER A 196 30.69 1.24 -1.30
C SER A 196 30.98 2.49 -0.46
N ASN A 197 30.03 2.83 0.42
CA ASN A 197 30.15 3.98 1.31
C ASN A 197 31.01 3.71 2.56
N GLY A 198 31.50 2.47 2.68
CA GLY A 198 32.37 2.09 3.79
C GLY A 198 31.66 1.52 4.99
N GLU A 199 30.33 1.50 4.93
CA GLU A 199 29.48 1.01 6.02
C GLU A 199 29.56 -0.51 6.12
N ILE A 200 29.46 -1.04 7.33
CA ILE A 200 29.49 -2.48 7.55
C ILE A 200 28.09 -3.07 7.40
N ILE A 201 27.95 -3.99 6.46
CA ILE A 201 26.65 -4.62 6.18
C ILE A 201 26.55 -6.04 6.74
N GLY A 202 27.59 -6.46 7.46
CA GLY A 202 27.61 -7.76 8.13
C GLY A 202 29.00 -8.35 8.30
N LEU A 203 29.05 -9.54 8.91
CA LEU A 203 30.33 -10.23 9.15
C LEU A 203 30.39 -11.59 8.45
N TYR A 204 31.59 -11.99 8.07
CA TYR A 204 31.84 -13.30 7.45
C TYR A 204 31.65 -14.41 8.50
N GLY A 205 30.69 -15.29 8.26
CA GLY A 205 30.34 -16.32 9.24
C GLY A 205 30.42 -17.76 8.74
N ASN A 206 29.79 -18.65 9.50
CA ASN A 206 29.73 -20.07 9.16
C ASN A 206 28.76 -20.32 8.01
N GLY A 207 29.15 -21.21 7.10
CA GLY A 207 28.34 -21.50 5.91
C GLY A 207 27.38 -22.65 6.12
N VAL A 208 27.08 -23.34 5.01
CA VAL A 208 26.26 -24.54 5.05
C VAL A 208 26.97 -25.62 4.22
N ILE A 209 27.02 -26.84 4.75
CA ILE A 209 27.61 -27.98 4.04
C ILE A 209 26.66 -28.40 2.92
N LEU A 210 26.87 -27.83 1.73
CA LEU A 210 25.88 -27.87 0.64
C LEU A 210 26.02 -29.02 -0.37
N GLY A 211 25.13 -29.01 -1.35
CA GLY A 211 25.02 -30.02 -2.40
C GLY A 211 26.33 -30.52 -3.00
N ASN A 212 26.52 -31.84 -2.91
CA ASN A 212 27.81 -32.53 -3.15
C ASN A 212 29.15 -31.80 -2.92
N GLY A 213 29.29 -30.57 -3.42
CA GLY A 213 30.51 -29.78 -3.18
C GLY A 213 30.32 -28.28 -3.30
N ALA A 214 30.24 -27.61 -2.16
CA ALA A 214 30.09 -26.14 -2.09
C ALA A 214 30.42 -25.57 -0.70
N TYR A 215 30.84 -24.31 -0.69
CA TYR A 215 31.06 -23.58 0.56
C TYR A 215 30.68 -22.10 0.39
N VAL A 216 29.42 -21.79 0.68
CA VAL A 216 28.93 -20.41 0.64
C VAL A 216 28.61 -19.96 2.06
N SER A 217 29.32 -18.92 2.53
CA SER A 217 29.15 -18.40 3.87
C SER A 217 28.05 -17.34 3.97
N ALA A 218 27.37 -17.33 5.11
CA ALA A 218 26.27 -16.39 5.36
C ALA A 218 26.76 -15.09 6.00
N ILE A 219 26.16 -13.99 5.59
CA ILE A 219 26.44 -12.67 6.15
C ILE A 219 25.69 -12.53 7.48
N VAL A 220 26.42 -12.57 8.58
CA VAL A 220 25.82 -12.49 9.91
C VAL A 220 25.52 -11.04 10.29
N GLN A 221 24.23 -10.73 10.40
CA GLN A 221 23.74 -9.38 10.67
C GLN A 221 22.26 -9.45 11.08
N GLY A 222 21.73 -8.34 11.57
CA GLY A 222 20.32 -8.25 11.96
C GLY A 222 20.14 -7.84 13.41
N PRO A 230 7.29 -10.88 3.62
CA PRO A 230 6.69 -11.91 2.77
C PRO A 230 5.37 -12.44 3.34
N GLU A 231 4.49 -12.90 2.46
CA GLU A 231 3.21 -13.49 2.86
C GLU A 231 2.86 -14.72 2.02
N ALA A 232 1.72 -15.36 2.33
CA ALA A 232 1.26 -16.54 1.60
C ALA A 232 -0.24 -16.76 1.77
N TYR A 233 -0.92 -17.08 0.67
CA TYR A 233 -2.33 -17.47 0.71
C TYR A 233 -2.46 -18.88 1.30
N ASN A 234 -3.48 -19.08 2.12
CA ASN A 234 -3.72 -20.37 2.76
C ASN A 234 -5.19 -20.79 2.63
N PRO A 235 -5.44 -22.10 2.39
CA PRO A 235 -6.81 -22.63 2.36
C PRO A 235 -7.52 -22.56 3.71
N GLU A 236 -6.75 -22.44 4.79
CA GLU A 236 -7.31 -22.33 6.15
C GLU A 236 -7.96 -20.98 6.42
N MET A 237 -7.69 -20.01 5.54
CA MET A 237 -8.27 -18.67 5.63
C MET A 237 -9.77 -18.68 5.31
N LEU A 238 -10.22 -19.73 4.63
CA LEU A 238 -11.60 -19.84 4.18
C LEU A 238 -12.55 -20.34 5.28
N LYS A 239 -12.00 -20.65 6.45
CA LYS A 239 -12.79 -21.03 7.63
C LYS A 239 -13.66 -19.85 8.06
N LYS A 240 -14.86 -20.16 8.56
CA LYS A 240 -15.91 -19.17 8.81
C LYS A 240 -15.51 -17.96 9.64
N ARG A 241 -14.80 -18.17 10.74
CA ARG A 241 -14.50 -17.07 11.66
C ARG A 241 -13.24 -16.26 11.27
N GLN A 242 -12.65 -16.58 10.12
CA GLN A 242 -11.37 -16.00 9.73
C GLN A 242 -11.50 -14.75 8.84
N LEU A 243 -10.71 -13.74 9.17
CA LEU A 243 -10.59 -12.52 8.37
C LEU A 243 -9.11 -12.22 8.20
N THR A 244 -8.63 -12.29 6.96
CA THR A 244 -7.21 -12.11 6.68
C THR A 244 -6.97 -11.03 5.62
N VAL A 245 -5.99 -10.19 5.85
CA VAL A 245 -5.63 -9.12 4.92
C VAL A 245 -4.36 -9.46 4.14
N LEU A 246 -4.53 -9.80 2.87
CA LEU A 246 -3.43 -10.24 2.02
C LEU A 246 -2.89 -9.12 1.14
N ASP A 247 -1.57 -9.10 0.98
CA ASP A 247 -0.92 -8.19 0.06
C ASP A 247 -0.54 -8.98 -1.20
N LEU A 248 -1.49 -9.05 -2.13
CA LEU A 248 -1.25 -9.68 -3.43
C LEU A 248 -0.36 -8.77 -4.27
N HIS A 249 0.81 -9.28 -4.64
CA HIS A 249 1.85 -8.45 -5.25
C HIS A 249 1.64 -8.23 -6.76
N PRO A 250 1.24 -7.00 -7.14
CA PRO A 250 0.79 -6.65 -8.49
C PRO A 250 1.80 -7.01 -9.59
N GLY A 251 1.26 -7.39 -10.75
CA GLY A 251 2.06 -7.87 -11.86
C GLY A 251 1.45 -9.13 -12.45
N ALA A 252 2.26 -10.18 -12.56
CA ALA A 252 1.80 -11.48 -13.07
C ALA A 252 1.48 -12.46 -11.93
N GLY A 253 1.57 -11.98 -10.70
CA GLY A 253 1.33 -12.81 -9.52
C GLY A 253 -0.01 -12.59 -8.85
N LYS A 254 -0.43 -11.33 -8.78
CA LYS A 254 -1.64 -10.93 -8.04
C LYS A 254 -2.93 -11.65 -8.46
N THR A 255 -3.43 -11.33 -9.64
CA THR A 255 -4.74 -11.83 -10.09
C THR A 255 -4.61 -12.98 -11.12
N ARG A 256 -3.38 -13.30 -11.50
CA ARG A 256 -3.15 -14.35 -12.51
C ARG A 256 -3.21 -15.76 -11.92
N ARG A 257 -2.69 -15.91 -10.69
CA ARG A 257 -2.61 -17.22 -10.05
C ARG A 257 -3.32 -17.30 -8.70
N ILE A 258 -3.22 -16.24 -7.90
CA ILE A 258 -3.77 -16.26 -6.53
C ILE A 258 -5.30 -16.28 -6.51
N LEU A 259 -5.93 -15.32 -7.17
CA LEU A 259 -7.40 -15.25 -7.22
C LEU A 259 -8.04 -16.52 -7.82
N PRO A 260 -7.55 -16.99 -8.99
CA PRO A 260 -8.10 -18.24 -9.52
C PRO A 260 -7.99 -19.42 -8.56
N GLN A 261 -6.91 -19.45 -7.77
CA GLN A 261 -6.70 -20.51 -6.78
C GLN A 261 -7.66 -20.39 -5.59
N ILE A 262 -7.98 -19.16 -5.20
CA ILE A 262 -8.96 -18.89 -4.14
C ILE A 262 -10.34 -19.43 -4.54
N ILE A 263 -10.74 -19.13 -5.78
CA ILE A 263 -12.02 -19.55 -6.31
C ILE A 263 -12.08 -21.07 -6.52
N LYS A 264 -10.98 -21.65 -6.99
CA LYS A 264 -10.86 -23.11 -7.15
C LYS A 264 -11.04 -23.87 -5.82
N ASP A 265 -10.52 -23.27 -4.74
CA ASP A 265 -10.69 -23.81 -3.39
C ASP A 265 -12.14 -23.67 -2.93
N ALA A 266 -12.71 -22.48 -3.11
CA ALA A 266 -14.06 -22.15 -2.68
C ALA A 266 -15.13 -23.04 -3.30
N ILE A 267 -14.96 -23.37 -4.58
CA ILE A 267 -15.89 -24.26 -5.29
C ILE A 267 -15.77 -25.70 -4.79
N GLN A 268 -14.55 -26.12 -4.47
CA GLN A 268 -14.30 -27.46 -3.91
C GLN A 268 -14.84 -27.60 -2.49
N LYS A 269 -14.66 -26.55 -1.69
CA LYS A 269 -15.21 -26.50 -0.34
C LYS A 269 -16.71 -26.21 -0.39
N ARG A 270 -17.23 -26.04 -1.61
CA ARG A 270 -18.66 -25.85 -1.89
C ARG A 270 -19.26 -24.62 -1.19
N LEU A 271 -18.50 -23.52 -1.19
CA LEU A 271 -18.91 -22.28 -0.53
C LEU A 271 -19.49 -21.28 -1.53
N ARG A 272 -20.57 -20.61 -1.14
CA ARG A 272 -21.11 -19.51 -1.94
C ARG A 272 -20.29 -18.25 -1.69
N THR A 273 -19.61 -17.79 -2.73
CA THR A 273 -18.59 -16.74 -2.62
C THR A 273 -19.05 -15.41 -3.20
N ALA A 274 -18.69 -14.32 -2.53
CA ALA A 274 -18.90 -12.97 -3.03
C ALA A 274 -17.54 -12.31 -3.28
N VAL A 275 -17.18 -12.21 -4.57
CA VAL A 275 -15.94 -11.52 -4.97
C VAL A 275 -16.25 -10.10 -5.47
N LEU A 276 -15.53 -9.12 -4.92
CA LEU A 276 -15.88 -7.71 -5.08
C LEU A 276 -14.80 -6.88 -5.79
N ALA A 277 -15.19 -6.29 -6.92
CA ALA A 277 -14.32 -5.39 -7.69
C ALA A 277 -14.67 -3.93 -7.38
N PRO A 278 -13.65 -3.05 -7.35
CA PRO A 278 -13.94 -1.64 -7.04
C PRO A 278 -14.70 -0.93 -8.16
N THR A 279 -14.42 -1.31 -9.41
CA THR A 279 -14.99 -0.67 -10.59
C THR A 279 -15.37 -1.70 -11.65
N ARG A 280 -16.07 -1.26 -12.69
CA ARG A 280 -16.48 -2.09 -13.82
C ARG A 280 -15.28 -2.69 -14.56
N VAL A 281 -14.22 -1.90 -14.71
CA VAL A 281 -13.01 -2.32 -15.43
C VAL A 281 -12.37 -3.55 -14.78
N VAL A 282 -12.19 -3.48 -13.47
CA VAL A 282 -11.61 -4.58 -12.70
C VAL A 282 -12.48 -5.83 -12.77
N ALA A 283 -13.80 -5.63 -12.77
CA ALA A 283 -14.76 -6.72 -12.92
C ALA A 283 -14.59 -7.45 -14.26
N ALA A 284 -14.24 -6.71 -15.30
CA ALA A 284 -13.97 -7.28 -16.61
C ALA A 284 -12.63 -8.01 -16.65
N GLU A 285 -11.66 -7.51 -15.89
CA GLU A 285 -10.37 -8.18 -15.73
C GLU A 285 -10.55 -9.48 -14.95
N MET A 286 -11.51 -9.46 -14.01
CA MET A 286 -11.91 -10.67 -13.29
C MET A 286 -12.60 -11.67 -14.22
N ALA A 287 -13.30 -11.16 -15.23
CA ALA A 287 -13.96 -12.00 -16.23
C ALA A 287 -12.96 -12.76 -17.11
N GLU A 288 -11.84 -12.12 -17.43
CA GLU A 288 -10.78 -12.74 -18.23
C GLU A 288 -10.00 -13.79 -17.44
N ALA A 289 -9.67 -13.44 -16.19
CA ALA A 289 -8.84 -14.29 -15.34
C ALA A 289 -9.57 -15.53 -14.79
N LEU A 290 -10.90 -15.46 -14.71
CA LEU A 290 -11.70 -16.54 -14.15
C LEU A 290 -12.51 -17.30 -15.22
N ARG A 291 -11.94 -17.42 -16.41
CA ARG A 291 -12.57 -18.18 -17.51
C ARG A 291 -12.49 -19.67 -17.24
N GLY A 292 -13.54 -20.39 -17.64
CA GLY A 292 -13.61 -21.84 -17.46
C GLY A 292 -13.86 -22.26 -16.02
N LEU A 293 -14.66 -21.46 -15.31
CA LEU A 293 -15.06 -21.74 -13.93
C LEU A 293 -16.51 -21.31 -13.73
N PRO A 294 -17.28 -22.08 -12.94
CA PRO A 294 -18.67 -21.69 -12.67
C PRO A 294 -18.73 -20.36 -11.91
N VAL A 295 -19.17 -19.31 -12.61
CA VAL A 295 -19.18 -17.97 -12.04
C VAL A 295 -20.24 -17.06 -12.68
N ARG A 296 -20.96 -16.33 -11.83
CA ARG A 296 -22.03 -15.41 -12.25
C ARG A 296 -21.56 -13.96 -12.15
N TYR A 297 -21.64 -13.24 -13.27
CA TYR A 297 -21.22 -11.84 -13.32
C TYR A 297 -22.41 -10.90 -13.13
N LEU A 298 -22.56 -10.41 -11.90
CA LEU A 298 -23.75 -9.68 -11.47
C LEU A 298 -23.89 -8.29 -12.11
N THR A 299 -22.83 -7.49 -12.05
CA THR A 299 -22.85 -6.13 -12.59
C THR A 299 -22.67 -6.14 -14.12
N PRO A 300 -23.74 -5.78 -14.86
CA PRO A 300 -23.68 -5.82 -16.32
C PRO A 300 -23.27 -4.48 -16.93
N ARG A 304 -24.67 -13.78 -22.85
CA ARG A 304 -24.15 -14.95 -22.17
C ARG A 304 -24.44 -14.87 -20.66
N GLU A 305 -25.51 -15.56 -20.25
CA GLU A 305 -25.95 -15.54 -18.85
C GLU A 305 -25.86 -16.90 -18.14
N HIS A 306 -26.30 -16.92 -16.88
CA HIS A 306 -26.09 -18.06 -15.98
C HIS A 306 -26.99 -19.26 -16.22
N SER A 307 -26.51 -20.42 -15.80
CA SER A 307 -27.26 -21.68 -15.89
C SER A 307 -28.22 -21.83 -14.71
N GLY A 308 -27.76 -21.42 -13.52
CA GLY A 308 -28.54 -21.56 -12.29
C GLY A 308 -27.88 -22.45 -11.25
N ASN A 309 -26.64 -22.86 -11.54
CA ASN A 309 -25.87 -23.72 -10.63
C ASN A 309 -24.74 -22.99 -9.93
N GLU A 310 -24.09 -22.06 -10.64
CA GLU A 310 -22.94 -21.32 -10.11
C GLU A 310 -23.20 -20.68 -8.76
N ILE A 311 -22.23 -20.84 -7.86
CA ILE A 311 -22.32 -20.32 -6.50
C ILE A 311 -21.31 -19.19 -6.25
N VAL A 312 -20.58 -18.82 -7.31
CA VAL A 312 -19.61 -17.72 -7.25
C VAL A 312 -20.15 -16.50 -8.00
N ASP A 313 -20.26 -15.37 -7.31
CA ASP A 313 -20.83 -14.16 -7.90
C ASP A 313 -19.83 -12.98 -7.90
N VAL A 314 -19.63 -12.39 -9.08
CA VAL A 314 -18.73 -11.24 -9.25
C VAL A 314 -19.53 -9.95 -9.39
N MET A 315 -19.22 -8.96 -8.55
CA MET A 315 -19.91 -7.68 -8.55
C MET A 315 -19.01 -6.53 -8.10
N CYS A 316 -19.50 -5.30 -8.21
CA CYS A 316 -18.80 -4.13 -7.69
C CYS A 316 -18.93 -4.03 -6.17
N HIS A 317 -18.09 -3.20 -5.56
CA HIS A 317 -18.21 -2.85 -4.15
C HIS A 317 -19.61 -2.29 -3.85
N ALA A 318 -20.06 -1.39 -4.73
CA ALA A 318 -21.34 -0.71 -4.57
C ALA A 318 -22.55 -1.60 -4.84
N THR A 319 -22.41 -2.52 -5.79
CA THR A 319 -23.50 -3.43 -6.18
C THR A 319 -24.06 -4.22 -4.99
N LEU A 320 -23.18 -4.79 -4.18
CA LEU A 320 -23.57 -5.56 -3.00
C LEU A 320 -24.21 -4.66 -1.94
N THR A 321 -23.63 -3.47 -1.76
CA THR A 321 -24.13 -2.50 -0.79
C THR A 321 -25.57 -2.07 -1.10
N HIS A 322 -25.85 -1.82 -2.37
CA HIS A 322 -27.18 -1.41 -2.82
C HIS A 322 -28.21 -2.54 -2.67
N ARG A 323 -27.77 -3.76 -2.91
CA ARG A 323 -28.63 -4.95 -2.76
C ARG A 323 -28.90 -5.27 -1.29
N LEU A 324 -27.88 -5.09 -0.46
CA LEU A 324 -28.00 -5.28 1.00
C LEU A 324 -29.01 -4.32 1.62
N MET A 325 -29.19 -3.16 0.98
CA MET A 325 -30.12 -2.13 1.45
C MET A 325 -31.55 -2.41 1.00
N SER A 326 -31.69 -2.89 -0.23
CA SER A 326 -33.00 -3.12 -0.85
C SER A 326 -33.86 -4.13 -0.06
N PRO A 327 -35.21 -3.98 -0.13
CA PRO A 327 -36.19 -4.83 0.55
C PRO A 327 -35.92 -6.34 0.50
N LEU A 328 -35.51 -6.85 -0.66
CA LEU A 328 -35.32 -8.29 -0.88
C LEU A 328 -34.19 -8.92 -0.06
N ARG A 329 -34.21 -10.24 0.03
CA ARG A 329 -33.23 -11.00 0.81
C ARG A 329 -31.82 -10.94 0.21
N VAL A 330 -30.83 -11.04 1.08
CA VAL A 330 -29.42 -11.11 0.69
C VAL A 330 -28.94 -12.55 0.83
N PRO A 331 -28.25 -13.08 -0.20
CA PRO A 331 -27.73 -14.45 -0.13
C PRO A 331 -26.71 -14.61 0.99
N ASN A 332 -26.75 -15.76 1.66
CA ASN A 332 -25.82 -16.07 2.73
C ASN A 332 -24.47 -16.48 2.15
N TYR A 333 -23.61 -15.51 1.92
CA TYR A 333 -22.26 -15.76 1.42
C TYR A 333 -21.36 -16.23 2.55
N ASN A 334 -20.78 -17.42 2.38
CA ASN A 334 -19.85 -17.98 3.36
C ASN A 334 -18.46 -17.40 3.20
N LEU A 335 -18.17 -16.90 2.01
CA LEU A 335 -16.86 -16.34 1.71
C LEU A 335 -16.96 -14.97 1.04
N PHE A 336 -16.17 -14.03 1.56
CA PHE A 336 -16.05 -12.71 0.97
C PHE A 336 -14.62 -12.47 0.50
N VAL A 337 -14.50 -12.06 -0.76
CA VAL A 337 -13.23 -11.64 -1.33
C VAL A 337 -13.41 -10.22 -1.84
N MET A 338 -12.51 -9.32 -1.47
CA MET A 338 -12.59 -7.94 -1.95
C MET A 338 -11.24 -7.45 -2.46
N ASP A 339 -11.19 -7.14 -3.75
CA ASP A 339 -10.00 -6.54 -4.35
C ASP A 339 -10.05 -5.02 -4.21
N GLU A 340 -8.87 -4.43 -3.98
CA GLU A 340 -8.72 -3.00 -3.70
C GLU A 340 -9.49 -2.61 -2.43
N ALA A 341 -9.19 -3.30 -1.34
CA ALA A 341 -9.91 -3.18 -0.08
C ALA A 341 -9.66 -1.87 0.68
N HIS A 342 -8.85 -0.99 0.09
CA HIS A 342 -8.52 0.31 0.69
C HIS A 342 -9.42 1.42 0.16
N PHE A 343 -10.28 1.07 -0.80
CA PHE A 343 -11.18 2.01 -1.47
C PHE A 343 -12.07 2.72 -0.45
N THR A 344 -12.00 4.05 -0.46
CA THR A 344 -12.69 4.88 0.53
C THR A 344 -14.05 5.39 0.04
N ASP A 345 -14.59 4.71 -0.96
CA ASP A 345 -15.95 4.95 -1.41
C ASP A 345 -16.89 4.53 -0.28
N PRO A 346 -17.93 5.33 -0.01
CA PRO A 346 -18.89 5.01 1.07
C PRO A 346 -19.43 3.58 1.00
N ALA A 347 -19.71 3.10 -0.21
CA ALA A 347 -20.23 1.76 -0.43
C ALA A 347 -19.15 0.67 -0.24
N SER A 348 -17.88 1.07 -0.27
CA SER A 348 -16.76 0.17 0.00
C SER A 348 -16.55 0.02 1.50
N ILE A 349 -16.51 1.15 2.20
CA ILE A 349 -16.36 1.19 3.65
C ILE A 349 -17.51 0.44 4.33
N ALA A 350 -18.74 0.72 3.90
CA ALA A 350 -19.94 0.05 4.41
C ALA A 350 -19.92 -1.46 4.13
N ALA A 351 -19.44 -1.83 2.94
CA ALA A 351 -19.33 -3.25 2.56
C ALA A 351 -18.36 -3.98 3.48
N ARG A 352 -17.24 -3.33 3.81
CA ARG A 352 -16.25 -3.86 4.74
C ARG A 352 -16.81 -3.93 6.16
N GLY A 353 -17.74 -3.04 6.47
CA GLY A 353 -18.44 -3.03 7.75
C GLY A 353 -19.33 -4.26 7.92
N TYR A 354 -20.17 -4.50 6.92
CA TYR A 354 -21.07 -5.65 6.92
C TYR A 354 -20.30 -6.97 6.99
N ILE A 355 -19.30 -7.11 6.12
CA ILE A 355 -18.49 -8.32 6.05
C ILE A 355 -17.84 -8.64 7.40
N ALA A 356 -17.18 -7.65 8.01
CA ALA A 356 -16.52 -7.80 9.32
C ALA A 356 -17.46 -8.28 10.42
N THR A 357 -18.76 -8.02 10.26
CA THR A 357 -19.76 -8.38 11.26
C THR A 357 -20.20 -9.83 11.11
N ARG A 358 -20.43 -10.27 9.87
CA ARG A 358 -20.84 -11.64 9.57
C ARG A 358 -19.72 -12.64 9.84
N VAL A 359 -18.49 -12.20 9.65
CA VAL A 359 -17.30 -13.00 9.98
C VAL A 359 -17.14 -13.12 11.49
N GLU A 360 -17.44 -12.03 12.20
CA GLU A 360 -17.39 -11.98 13.65
C GLU A 360 -18.51 -12.83 14.26
N ALA A 361 -19.65 -12.90 13.56
CA ALA A 361 -20.79 -13.70 13.97
C ALA A 361 -20.58 -15.19 13.71
N GLY A 362 -19.58 -15.51 12.89
CA GLY A 362 -19.24 -16.90 12.56
C GLY A 362 -19.99 -17.44 11.35
N GLU A 363 -20.66 -16.53 10.63
CA GLU A 363 -21.50 -16.91 9.49
C GLU A 363 -20.77 -16.88 8.16
N ALA A 364 -19.66 -16.15 8.09
CA ALA A 364 -18.93 -15.94 6.83
C ALA A 364 -17.43 -15.75 7.06
N ALA A 365 -16.65 -15.93 5.99
CA ALA A 365 -15.21 -15.69 6.01
C ALA A 365 -14.84 -14.49 5.15
N ALA A 366 -13.68 -13.89 5.40
CA ALA A 366 -13.23 -12.71 4.66
C ALA A 366 -11.76 -12.72 4.29
N ILE A 367 -11.48 -12.28 3.05
CA ILE A 367 -10.11 -12.02 2.61
C ILE A 367 -10.09 -10.67 1.88
N PHE A 368 -9.37 -9.72 2.45
CA PHE A 368 -9.23 -8.38 1.87
C PHE A 368 -7.91 -8.26 1.14
N MET A 369 -7.97 -7.91 -0.14
CA MET A 369 -6.78 -7.81 -0.98
C MET A 369 -6.41 -6.34 -1.27
N THR A 370 -5.33 -5.90 -0.65
CA THR A 370 -4.82 -4.53 -0.81
C THR A 370 -3.36 -4.41 -0.36
N ALA A 371 -2.61 -3.56 -1.05
CA ALA A 371 -1.23 -3.27 -0.68
C ALA A 371 -1.16 -2.37 0.55
N THR A 372 -2.17 -1.51 0.71
CA THR A 372 -2.27 -0.60 1.85
C THR A 372 -3.55 -0.85 2.63
N PRO A 373 -3.50 -1.73 3.65
CA PRO A 373 -4.65 -2.08 4.47
C PRO A 373 -5.17 -0.90 5.28
N PRO A 374 -6.49 -0.86 5.57
CA PRO A 374 -7.05 0.19 6.42
C PRO A 374 -6.30 0.29 7.76
N GLY A 375 -5.62 1.41 7.97
CA GLY A 375 -4.82 1.65 9.17
C GLY A 375 -3.36 1.98 8.90
N THR A 376 -2.97 1.99 7.62
CA THR A 376 -1.59 2.23 7.19
C THR A 376 -1.15 3.68 7.44
N SER A 377 0.11 3.83 7.85
CA SER A 377 0.72 5.14 8.05
C SER A 377 2.09 5.22 7.35
N ASP A 378 2.34 4.28 6.44
CA ASP A 378 3.62 4.18 5.74
C ASP A 378 3.49 4.56 4.26
N PRO A 379 4.04 5.73 3.87
CA PRO A 379 3.92 6.25 2.51
C PRO A 379 4.78 5.49 1.49
N PHE A 380 5.82 4.80 1.96
CA PHE A 380 6.71 4.04 1.09
C PHE A 380 6.78 2.57 1.50
N PRO A 381 5.76 1.77 1.12
CA PRO A 381 5.86 0.35 1.44
C PRO A 381 6.89 -0.33 0.54
N ASP A 382 7.51 -1.38 1.03
CA ASP A 382 8.47 -2.15 0.26
C ASP A 382 7.87 -2.49 -1.11
N THR A 383 8.58 -2.09 -2.16
CA THR A 383 8.12 -2.34 -3.53
C THR A 383 8.70 -3.66 -4.03
N ASN A 384 8.24 -4.11 -5.19
CA ASN A 384 8.79 -5.28 -5.85
C ASN A 384 10.20 -5.01 -6.37
N SER A 385 10.34 -3.90 -7.10
CA SER A 385 11.63 -3.48 -7.66
C SER A 385 12.10 -2.16 -7.03
N PRO A 386 13.43 -1.94 -7.00
CA PRO A 386 13.99 -0.69 -6.46
C PRO A 386 13.41 0.55 -7.14
N VAL A 387 13.22 1.61 -6.35
CA VAL A 387 12.60 2.85 -6.81
C VAL A 387 13.35 4.07 -6.25
N HIS A 388 13.46 5.12 -7.05
CA HIS A 388 13.97 6.40 -6.57
C HIS A 388 12.83 7.30 -6.12
N ASP A 389 12.85 7.69 -4.86
CA ASP A 389 11.87 8.61 -4.30
C ASP A 389 12.48 10.00 -4.21
N VAL A 390 12.02 10.90 -5.09
CA VAL A 390 12.60 12.24 -5.21
C VAL A 390 11.62 13.31 -4.74
N SER A 391 12.04 14.10 -3.76
CA SER A 391 11.25 15.23 -3.28
C SER A 391 11.43 16.41 -4.22
N SER A 392 10.36 16.80 -4.90
CA SER A 392 10.40 17.86 -5.90
C SER A 392 9.17 18.76 -5.89
N GLU A 393 9.32 19.97 -6.46
CA GLU A 393 8.24 20.93 -6.59
C GLU A 393 7.35 20.59 -7.78
N ILE A 394 6.07 20.34 -7.51
CA ILE A 394 5.11 19.97 -8.54
C ILE A 394 4.17 21.14 -8.84
N PRO A 395 3.99 21.49 -10.13
CA PRO A 395 3.06 22.54 -10.55
C PRO A 395 1.60 22.21 -10.22
N ASP A 396 0.90 23.19 -9.66
CA ASP A 396 -0.53 23.05 -9.35
C ASP A 396 -1.40 23.65 -10.45
N ARG A 397 -0.75 24.35 -11.38
CA ARG A 397 -1.40 24.96 -12.55
C ARG A 397 -0.40 25.10 -13.69
N ALA A 398 -0.86 25.59 -14.84
CA ALA A 398 -0.02 25.75 -16.02
C ALA A 398 1.22 26.61 -15.75
N TRP A 399 2.27 26.41 -16.54
CA TRP A 399 3.51 27.15 -16.38
C TRP A 399 4.13 27.53 -17.73
N SER A 400 4.74 28.72 -17.79
CA SER A 400 5.29 29.25 -19.04
C SER A 400 6.80 29.02 -19.18
N SER A 401 7.47 28.75 -18.05
CA SER A 401 8.91 28.48 -18.06
C SER A 401 9.30 27.57 -16.89
N GLY A 402 10.59 27.27 -16.80
CA GLY A 402 11.12 26.36 -15.77
C GLY A 402 10.65 24.93 -16.00
N PHE A 403 10.72 24.12 -14.95
CA PHE A 403 10.25 22.73 -14.97
C PHE A 403 10.69 21.96 -16.22
N GLU A 404 12.00 21.94 -16.46
CA GLU A 404 12.56 21.26 -17.62
C GLU A 404 12.52 19.75 -17.48
N TRP A 405 12.76 19.26 -16.26
CA TRP A 405 12.78 17.83 -15.96
C TRP A 405 11.48 17.10 -16.24
N ILE A 406 10.36 17.84 -16.19
CA ILE A 406 9.04 17.28 -16.47
C ILE A 406 8.86 16.99 -17.95
N THR A 407 9.14 17.99 -18.79
CA THR A 407 8.91 17.89 -20.23
C THR A 407 10.06 17.23 -21.01
N ASP A 408 11.26 17.21 -20.42
CA ASP A 408 12.42 16.59 -21.07
C ASP A 408 12.47 15.06 -20.94
N TYR A 409 11.62 14.51 -20.07
CA TYR A 409 11.59 13.07 -19.81
C TYR A 409 11.11 12.29 -21.03
N ALA A 410 11.90 11.28 -21.41
CA ALA A 410 11.66 10.51 -22.63
C ALA A 410 10.52 9.50 -22.51
N GLY A 411 10.46 8.79 -21.39
CA GLY A 411 9.46 7.76 -21.16
C GLY A 411 8.09 8.29 -20.77
N LYS A 412 7.17 7.37 -20.47
CA LYS A 412 5.81 7.72 -20.09
C LYS A 412 5.71 8.12 -18.62
N THR A 413 4.73 8.96 -18.30
CA THR A 413 4.59 9.53 -16.96
C THR A 413 3.13 9.56 -16.49
N VAL A 414 2.92 9.20 -15.22
CA VAL A 414 1.60 9.29 -14.59
C VAL A 414 1.60 10.41 -13.55
N TRP A 415 0.88 11.49 -13.87
CA TRP A 415 0.78 12.66 -13.01
C TRP A 415 -0.54 12.62 -12.25
N PHE A 416 -0.45 12.70 -10.92
CA PHE A 416 -1.62 12.80 -10.06
C PHE A 416 -1.91 14.26 -9.74
N VAL A 417 -3.17 14.65 -9.90
CA VAL A 417 -3.59 16.03 -9.64
C VAL A 417 -4.68 16.12 -8.57
N ALA A 418 -4.95 17.34 -8.11
CA ALA A 418 -5.90 17.57 -7.02
C ALA A 418 -7.35 17.48 -7.46
N SER A 419 -7.63 17.87 -8.70
CA SER A 419 -9.00 17.97 -9.20
C SER A 419 -9.08 17.89 -10.72
N VAL A 420 -10.29 17.76 -11.24
CA VAL A 420 -10.56 17.84 -12.68
C VAL A 420 -10.19 19.21 -13.26
N LYS A 421 -10.21 20.23 -12.39
CA LYS A 421 -9.83 21.59 -12.77
C LYS A 421 -8.31 21.73 -12.87
N MET A 422 -7.58 20.98 -12.04
CA MET A 422 -6.12 20.94 -12.10
C MET A 422 -5.68 20.13 -13.32
N SER A 423 -6.40 19.05 -13.60
CA SER A 423 -6.12 18.17 -14.73
C SER A 423 -6.18 18.92 -16.06
N ASN A 424 -7.17 19.81 -16.19
CA ASN A 424 -7.37 20.57 -17.42
C ASN A 424 -6.24 21.57 -17.70
N GLU A 425 -5.82 22.30 -16.68
CA GLU A 425 -4.76 23.32 -16.82
C GLU A 425 -3.37 22.72 -17.06
N ILE A 426 -3.07 21.61 -16.39
CA ILE A 426 -1.78 20.93 -16.53
C ILE A 426 -1.66 20.22 -17.89
N ALA A 427 -2.72 19.50 -18.28
CA ALA A 427 -2.72 18.78 -19.56
C ALA A 427 -2.73 19.73 -20.75
N GLN A 428 -3.47 20.83 -20.64
CA GLN A 428 -3.48 21.89 -21.66
C GLN A 428 -2.11 22.54 -21.81
N CYS A 429 -1.37 22.59 -20.71
CA CYS A 429 -0.01 23.12 -20.69
C CYS A 429 0.96 22.15 -21.36
N LEU A 430 0.74 20.86 -21.13
CA LEU A 430 1.62 19.81 -21.66
C LEU A 430 1.42 19.57 -23.15
N GLN A 431 0.16 19.60 -23.61
CA GLN A 431 -0.14 19.39 -25.02
C GLN A 431 0.34 20.55 -25.89
N ARG A 432 0.52 21.71 -25.28
CA ARG A 432 1.14 22.87 -25.95
C ARG A 432 2.66 22.67 -26.16
N ALA A 433 3.22 21.68 -25.49
CA ALA A 433 4.62 21.31 -25.67
C ALA A 433 4.78 20.15 -26.66
N GLY A 434 3.67 19.76 -27.28
CA GLY A 434 3.65 18.66 -28.23
C GLY A 434 3.70 17.31 -27.54
N LYS A 435 2.97 17.18 -26.45
CA LYS A 435 2.95 15.95 -25.65
C LYS A 435 1.57 15.30 -25.68
N ARG A 436 1.53 14.02 -26.02
CA ARG A 436 0.29 13.26 -26.08
C ARG A 436 -0.18 12.91 -24.67
N VAL A 437 -1.40 13.34 -24.33
CA VAL A 437 -1.92 13.26 -22.97
C VAL A 437 -3.31 12.64 -22.91
N ILE A 438 -3.54 11.80 -21.89
CA ILE A 438 -4.86 11.27 -21.58
C ILE A 438 -5.28 11.76 -20.19
N GLN A 439 -6.49 12.29 -20.09
CA GLN A 439 -7.04 12.78 -18.82
C GLN A 439 -8.02 11.77 -18.22
N LEU A 440 -7.77 11.37 -16.97
CA LEU A 440 -8.54 10.31 -16.31
C LEU A 440 -9.16 10.69 -14.96
N ASN A 441 -10.46 10.95 -14.99
CA ASN A 441 -11.23 11.23 -13.77
C ASN A 441 -12.29 10.13 -13.53
N ARG A 442 -13.12 10.31 -12.52
CA ARG A 442 -14.19 9.36 -12.20
C ARG A 442 -15.29 9.31 -13.27
N LYS A 443 -15.35 10.36 -14.08
CA LYS A 443 -16.33 10.47 -15.15
C LYS A 443 -15.90 9.70 -16.40
N SER A 444 -14.67 9.94 -16.84
CA SER A 444 -14.17 9.39 -18.11
C SER A 444 -13.23 8.20 -17.96
N TYR A 445 -13.33 7.48 -16.84
CA TYR A 445 -12.45 6.34 -16.59
C TYR A 445 -12.76 5.17 -17.54
N ASP A 446 -13.96 4.63 -17.44
CA ASP A 446 -14.40 3.50 -18.26
C ASP A 446 -14.15 3.74 -19.75
N THR A 447 -14.28 4.99 -20.17
CA THR A 447 -14.07 5.37 -21.57
C THR A 447 -12.59 5.51 -21.93
N GLU A 448 -11.88 6.36 -21.18
CA GLU A 448 -10.52 6.77 -21.57
C GLU A 448 -9.40 5.87 -21.04
N TYR A 449 -9.68 5.09 -19.99
CA TYR A 449 -8.67 4.20 -19.40
C TYR A 449 -8.17 3.09 -20.35
N PRO A 450 -9.09 2.42 -21.09
CA PRO A 450 -8.67 1.38 -22.04
C PRO A 450 -7.70 1.87 -23.13
N LYS A 451 -7.72 3.16 -23.43
CA LYS A 451 -6.80 3.76 -24.41
C LYS A 451 -5.33 3.73 -23.96
N CYS A 452 -5.12 3.67 -22.65
CA CYS A 452 -3.79 3.64 -22.05
C CYS A 452 -3.00 2.37 -22.41
N LYS A 453 -3.71 1.29 -22.69
CA LYS A 453 -3.11 0.01 -23.07
C LYS A 453 -2.37 0.09 -24.41
N ASN A 454 -2.88 0.92 -25.32
CA ASN A 454 -2.30 1.10 -26.64
C ASN A 454 -0.86 1.60 -26.65
N GLY A 455 -0.55 2.54 -25.76
CA GLY A 455 0.78 3.14 -25.70
C GLY A 455 0.87 4.47 -26.43
N ASP A 456 -0.27 4.89 -27.00
CA ASP A 456 -0.38 6.18 -27.69
C ASP A 456 -0.53 7.32 -26.67
N TRP A 457 0.54 7.61 -25.94
CA TRP A 457 0.55 8.69 -24.93
C TRP A 457 1.91 8.89 -24.26
N ASP A 458 2.15 10.12 -23.82
CA ASP A 458 3.37 10.49 -23.09
C ASP A 458 3.08 10.81 -21.63
N PHE A 459 1.88 11.34 -21.37
CA PHE A 459 1.45 11.71 -20.02
C PHE A 459 0.04 11.21 -19.71
N VAL A 460 -0.15 10.67 -18.51
CA VAL A 460 -1.48 10.39 -17.99
C VAL A 460 -1.73 11.27 -16.77
N ILE A 461 -2.76 12.11 -16.88
CA ILE A 461 -3.14 13.01 -15.81
C ILE A 461 -4.40 12.47 -15.15
N THR A 462 -4.33 12.22 -13.84
CA THR A 462 -5.44 11.53 -13.16
C THR A 462 -5.73 12.03 -11.74
N THR A 463 -6.97 11.83 -11.31
CA THR A 463 -7.39 12.11 -9.94
C THR A 463 -7.14 10.90 -9.05
N ASP A 464 -7.71 10.92 -7.84
CA ASP A 464 -7.54 9.85 -6.86
C ASP A 464 -8.06 8.49 -7.33
N ILE A 465 -8.94 8.51 -8.34
CA ILE A 465 -9.56 7.29 -8.87
C ILE A 465 -8.55 6.19 -9.25
N SER A 466 -7.38 6.60 -9.74
CA SER A 466 -6.37 5.67 -10.27
C SER A 466 -5.68 4.81 -9.21
N GLU A 467 -5.91 5.12 -7.93
CA GLU A 467 -5.37 4.34 -6.83
C GLU A 467 -5.94 2.91 -6.78
N MET A 468 -7.09 2.72 -7.42
CA MET A 468 -7.79 1.43 -7.40
C MET A 468 -7.65 0.67 -8.74
N GLY A 469 -6.67 -0.23 -8.79
CA GLY A 469 -6.51 -1.17 -9.91
C GLY A 469 -6.18 -0.57 -11.26
N ALA A 470 -5.18 0.29 -11.31
CA ALA A 470 -4.73 0.90 -12.56
C ALA A 470 -3.35 0.41 -12.98
N ASN A 471 -3.28 -0.17 -14.18
CA ASN A 471 -2.02 -0.67 -14.73
C ASN A 471 -1.47 0.27 -15.79
N PHE A 472 -0.31 0.86 -15.51
CA PHE A 472 0.36 1.74 -16.45
C PHE A 472 1.71 1.16 -16.87
N GLY A 473 2.06 1.34 -18.14
CA GLY A 473 3.37 0.90 -18.64
C GLY A 473 4.46 1.91 -18.36
N ALA A 474 4.12 2.90 -17.52
CA ALA A 474 4.98 4.04 -17.26
C ALA A 474 6.17 3.73 -16.34
N SER A 475 7.18 4.60 -16.40
CA SER A 475 8.39 4.46 -15.59
C SER A 475 8.50 5.53 -14.51
N ARG A 476 7.68 6.58 -14.62
CA ARG A 476 7.75 7.71 -13.71
C ARG A 476 6.37 8.12 -13.21
N VAL A 477 6.28 8.46 -11.92
CA VAL A 477 5.06 9.00 -11.34
C VAL A 477 5.32 10.37 -10.71
N ILE A 478 4.61 11.38 -11.20
CA ILE A 478 4.62 12.71 -10.61
C ILE A 478 3.39 12.85 -9.70
N ASP A 479 3.63 13.17 -8.44
CA ASP A 479 2.55 13.24 -7.45
C ASP A 479 2.53 14.59 -6.70
N CYS A 480 1.39 15.26 -6.73
CA CYS A 480 1.22 16.55 -6.05
C CYS A 480 0.88 16.37 -4.56
N ARG A 481 0.57 15.13 -4.19
CA ARG A 481 0.20 14.75 -2.81
C ARG A 481 -0.93 15.59 -2.21
N LYS A 482 -1.90 15.93 -3.07
CA LYS A 482 -3.09 16.70 -2.69
C LYS A 482 -4.31 16.16 -3.41
N SER A 483 -5.50 16.57 -2.96
CA SER A 483 -6.75 16.19 -3.61
C SER A 483 -7.95 16.99 -3.09
N VAL A 484 -8.93 17.17 -3.97
CA VAL A 484 -10.19 17.81 -3.61
C VAL A 484 -11.18 16.74 -3.13
N LYS A 485 -11.61 16.88 -1.89
CA LYS A 485 -12.49 15.92 -1.24
C LYS A 485 -13.77 16.61 -0.76
N PRO A 486 -14.92 15.90 -0.77
CA PRO A 486 -16.12 16.43 -0.14
C PRO A 486 -16.01 16.36 1.39
N THR A 487 -16.24 17.47 2.06
CA THR A 487 -16.12 17.56 3.52
C THR A 487 -17.41 18.06 4.17
N ILE A 488 -17.68 17.58 5.39
CA ILE A 488 -18.91 17.91 6.11
C ILE A 488 -18.73 18.96 7.19
N LEU A 489 -19.66 19.92 7.23
CA LEU A 489 -19.80 20.84 8.34
C LEU A 489 -21.15 20.57 9.01
N ASP A 490 -21.11 20.17 10.27
CA ASP A 490 -22.29 19.69 10.99
C ASP A 490 -23.12 20.80 11.65
N GLU A 491 -22.56 22.01 11.68
CA GLU A 491 -23.19 23.17 12.32
C GLU A 491 -24.55 23.53 11.73
N GLY A 492 -25.53 23.69 12.61
CA GLY A 492 -26.92 23.94 12.22
C GLY A 492 -27.53 22.73 11.55
N GLU A 493 -27.81 22.85 10.26
CA GLU A 493 -28.39 21.77 9.46
C GLU A 493 -27.29 20.97 8.77
N GLY A 494 -26.34 21.66 8.15
CA GLY A 494 -25.21 21.01 7.49
C GLY A 494 -24.83 21.60 6.15
N ARG A 495 -23.58 21.34 5.74
CA ARG A 495 -23.04 21.80 4.46
C ARG A 495 -21.92 20.88 3.98
N VAL A 496 -22.06 20.37 2.76
CA VAL A 496 -20.97 19.63 2.12
C VAL A 496 -20.25 20.53 1.13
N ILE A 497 -18.94 20.67 1.33
CA ILE A 497 -18.10 21.53 0.51
C ILE A 497 -16.97 20.76 -0.17
N LEU A 498 -16.58 21.20 -1.37
CA LEU A 498 -15.40 20.67 -2.04
C LEU A 498 -14.16 21.42 -1.55
N SER A 499 -13.35 20.72 -0.74
CA SER A 499 -12.18 21.30 -0.09
C SER A 499 -11.15 21.86 -1.06
N VAL A 500 -10.32 22.79 -0.58
CA VAL A 500 -9.11 23.20 -1.28
C VAL A 500 -8.10 22.06 -1.24
N PRO A 501 -7.30 21.89 -2.31
CA PRO A 501 -6.30 20.82 -2.37
C PRO A 501 -5.57 20.62 -1.04
N SER A 502 -5.76 19.46 -0.42
CA SER A 502 -5.16 19.17 0.88
C SER A 502 -4.36 17.86 0.87
N ALA A 503 -3.38 17.79 1.77
CA ALA A 503 -2.48 16.64 1.88
C ALA A 503 -3.22 15.34 2.10
N ILE A 504 -3.02 14.40 1.17
CA ILE A 504 -3.68 13.10 1.18
C ILE A 504 -3.14 12.20 2.30
N THR A 505 -3.83 11.08 2.54
CA THR A 505 -3.38 10.08 3.50
C THR A 505 -2.17 9.33 2.95
N SER A 506 -1.26 8.96 3.85
CA SER A 506 -0.03 8.25 3.48
C SER A 506 -0.32 6.91 2.81
N ALA A 507 -1.45 6.29 3.17
CA ALA A 507 -1.91 5.06 2.51
C ALA A 507 -2.30 5.32 1.05
N SER A 508 -2.95 6.46 0.82
CA SER A 508 -3.32 6.89 -0.53
C SER A 508 -2.11 7.27 -1.38
N ALA A 509 -1.10 7.86 -0.76
CA ALA A 509 0.13 8.26 -1.45
C ALA A 509 0.94 7.05 -1.89
N ALA A 510 0.90 5.99 -1.07
CA ALA A 510 1.57 4.74 -1.37
C ALA A 510 0.89 3.98 -2.51
N GLN A 511 -0.38 4.30 -2.76
CA GLN A 511 -1.12 3.75 -3.89
C GLN A 511 -0.75 4.47 -5.18
N ARG A 512 -0.63 5.80 -5.08
CA ARG A 512 -0.16 6.63 -6.19
C ARG A 512 1.29 6.25 -6.55
N ARG A 513 2.09 5.95 -5.53
CA ARG A 513 3.47 5.51 -5.69
C ARG A 513 3.53 4.10 -6.28
N GLY A 514 2.52 3.29 -5.97
CA GLY A 514 2.45 1.90 -6.40
C GLY A 514 2.10 1.67 -7.85
N ARG A 515 2.05 2.75 -8.65
CA ARG A 515 1.87 2.62 -10.09
C ARG A 515 3.18 2.21 -10.76
N VAL A 516 4.29 2.51 -10.10
CA VAL A 516 5.63 2.11 -10.56
C VAL A 516 6.31 1.16 -9.58
N GLY A 517 7.33 0.45 -10.04
CA GLY A 517 8.07 -0.50 -9.21
C GLY A 517 7.49 -1.91 -9.23
N ARG A 518 6.44 -2.10 -10.02
CA ARG A 518 5.74 -3.38 -10.12
C ARG A 518 6.54 -4.44 -10.87
N ASN A 519 7.11 -4.07 -12.01
CA ASN A 519 7.81 -4.98 -12.90
C ASN A 519 9.13 -5.49 -12.32
N PRO A 520 9.22 -6.82 -12.07
CA PRO A 520 10.43 -7.44 -11.52
C PRO A 520 11.65 -7.30 -12.42
N SER A 521 11.42 -7.07 -13.72
CA SER A 521 12.51 -6.89 -14.68
C SER A 521 12.90 -5.42 -14.86
N GLN A 522 11.96 -4.50 -14.64
CA GLN A 522 12.25 -3.07 -14.75
C GLN A 522 12.53 -2.42 -13.40
N ILE A 523 13.76 -1.97 -13.22
CA ILE A 523 14.21 -1.38 -11.95
C ILE A 523 14.53 0.11 -12.07
N GLY A 524 14.58 0.79 -10.93
CA GLY A 524 14.93 2.21 -10.87
C GLY A 524 13.88 3.16 -11.41
N ASP A 525 12.61 2.81 -11.21
CA ASP A 525 11.50 3.69 -11.56
C ASP A 525 11.48 4.92 -10.67
N GLU A 526 11.04 6.05 -11.22
CA GLU A 526 11.04 7.33 -10.50
C GLU A 526 9.68 7.68 -9.90
N TYR A 527 9.72 8.30 -8.72
CA TYR A 527 8.52 8.79 -8.05
C TYR A 527 8.78 10.16 -7.43
N HIS A 528 8.19 11.19 -8.04
CA HIS A 528 8.35 12.57 -7.58
C HIS A 528 7.15 13.02 -6.74
N TYR A 529 7.45 13.44 -5.51
CA TYR A 529 6.41 13.88 -4.58
C TYR A 529 6.65 15.29 -4.05
N GLY A 530 5.55 16.04 -3.87
CA GLY A 530 5.61 17.40 -3.33
C GLY A 530 4.65 17.60 -2.19
N GLY A 531 5.18 17.97 -1.03
CA GLY A 531 4.38 18.14 0.19
C GLY A 531 4.20 16.86 0.99
N GLY A 532 3.83 17.00 2.25
CA GLY A 532 3.68 15.85 3.15
C GLY A 532 2.33 15.17 3.10
N THR A 533 2.09 14.29 4.08
CA THR A 533 0.83 13.56 4.20
C THR A 533 0.10 13.95 5.49
N SER A 534 -1.14 13.48 5.64
CA SER A 534 -1.99 13.85 6.78
C SER A 534 -3.06 12.79 7.08
N GLU A 535 -3.31 12.54 8.36
CA GLU A 535 -4.23 11.48 8.77
C GLU A 535 -5.57 11.98 9.34
N ASP A 536 -5.70 13.29 9.49
CA ASP A 536 -6.96 13.88 9.98
C ASP A 536 -7.96 14.07 8.84
N ASP A 537 -8.47 12.94 8.34
CA ASP A 537 -9.48 12.95 7.29
C ASP A 537 -10.87 12.62 7.85
N THR A 538 -11.02 12.77 9.17
CA THR A 538 -12.28 12.55 9.87
C THR A 538 -13.37 13.53 9.44
N MET A 539 -12.94 14.70 9.00
CA MET A 539 -13.83 15.78 8.54
C MET A 539 -14.56 15.47 7.23
N LEU A 540 -14.01 14.53 6.46
CA LEU A 540 -14.54 14.17 5.14
C LEU A 540 -15.94 13.56 5.18
N ALA A 541 -16.63 13.65 4.04
CA ALA A 541 -18.03 13.23 3.94
C ALA A 541 -18.20 11.71 3.84
N HIS A 542 -17.26 11.03 3.18
CA HIS A 542 -17.41 9.60 2.88
C HIS A 542 -17.50 8.69 4.12
N TRP A 543 -17.07 9.20 5.27
CA TRP A 543 -17.19 8.48 6.53
C TRP A 543 -18.65 8.41 6.98
N THR A 544 -19.29 9.58 7.14
CA THR A 544 -20.68 9.66 7.56
C THR A 544 -21.60 8.97 6.57
N GLU A 545 -21.36 9.20 5.28
CA GLU A 545 -22.18 8.61 4.21
C GLU A 545 -22.16 7.09 4.24
N ALA A 546 -21.06 6.52 4.73
CA ALA A 546 -20.91 5.07 4.89
C ALA A 546 -21.77 4.52 6.03
N LYS A 547 -21.70 5.15 7.20
CA LYS A 547 -22.50 4.71 8.35
C LYS A 547 -23.99 5.00 8.18
N ILE A 548 -24.31 5.98 7.33
CA ILE A 548 -25.69 6.21 6.87
C ILE A 548 -26.13 5.00 6.05
N LEU A 549 -25.24 4.57 5.15
CA LEU A 549 -25.47 3.46 4.24
C LEU A 549 -25.47 2.12 4.97
N LEU A 550 -24.78 2.07 6.12
CA LEU A 550 -24.62 0.86 6.91
C LEU A 550 -25.78 0.61 7.86
N ASP A 551 -26.30 1.68 8.46
CA ASP A 551 -27.44 1.60 9.38
C ASP A 551 -28.70 1.14 8.68
N ASN A 552 -28.80 1.44 7.39
CA ASN A 552 -29.96 1.06 6.58
C ASN A 552 -29.87 -0.36 6.00
N ILE A 553 -28.79 -1.08 6.32
CA ILE A 553 -28.67 -2.49 5.97
C ILE A 553 -29.18 -3.32 7.15
N HIS A 554 -30.01 -4.33 6.85
CA HIS A 554 -30.61 -5.17 7.88
C HIS A 554 -29.90 -6.51 8.03
N LEU A 555 -29.74 -6.92 9.29
CA LEU A 555 -29.18 -8.22 9.65
C LEU A 555 -30.18 -8.99 10.49
N PRO A 556 -30.38 -10.29 10.18
CA PRO A 556 -31.24 -11.16 10.99
C PRO A 556 -30.62 -11.46 12.36
N ASN A 557 -31.45 -11.94 13.28
CA ASN A 557 -31.06 -12.22 14.68
C ASN A 557 -30.93 -10.94 15.52
N GLY A 558 -31.71 -9.92 15.15
CA GLY A 558 -31.70 -8.63 15.84
C GLY A 558 -30.32 -8.01 15.91
N LEU A 559 -29.64 -7.97 14.77
CA LEU A 559 -28.28 -7.46 14.69
C LEU A 559 -28.21 -6.17 13.87
N VAL A 560 -27.31 -5.28 14.27
CA VAL A 560 -26.99 -4.07 13.51
C VAL A 560 -25.51 -4.07 13.15
N ALA A 561 -25.22 -3.71 11.91
CA ALA A 561 -23.85 -3.74 11.39
C ALA A 561 -22.98 -2.61 11.94
N GLN A 562 -21.68 -2.87 12.02
CA GLN A 562 -20.71 -1.93 12.56
C GLN A 562 -19.46 -1.92 11.67
N LEU A 563 -18.85 -0.75 11.52
CA LEU A 563 -17.68 -0.56 10.65
C LEU A 563 -16.52 -1.49 11.01
N TYR A 564 -15.67 -1.75 10.02
CA TYR A 564 -14.47 -2.58 10.17
C TYR A 564 -13.52 -1.96 11.21
N GLY A 565 -13.09 -2.80 12.16
CA GLY A 565 -12.32 -2.39 13.34
C GLY A 565 -11.38 -1.21 13.23
N PRO A 566 -10.38 -1.29 12.33
CA PRO A 566 -9.41 -0.20 12.09
C PRO A 566 -9.99 1.13 11.63
N GLU A 567 -11.25 1.14 11.19
CA GLU A 567 -11.89 2.36 10.69
C GLU A 567 -12.95 2.94 11.63
N ARG A 568 -13.20 2.26 12.75
CA ARG A 568 -14.25 2.68 13.69
C ARG A 568 -13.98 4.02 14.35
N ASP A 569 -12.70 4.28 14.63
CA ASP A 569 -12.27 5.53 15.27
C ASP A 569 -12.59 6.80 14.46
N LYS A 570 -12.80 6.63 13.16
CA LYS A 570 -13.00 7.76 12.25
C LYS A 570 -14.32 8.50 12.47
N THR A 571 -15.38 7.76 12.84
CA THR A 571 -16.71 8.33 13.09
C THR A 571 -17.40 7.68 14.27
N TYR A 572 -17.84 8.48 15.23
CA TYR A 572 -18.55 7.96 16.39
C TYR A 572 -19.88 8.66 16.68
N THR A 573 -20.98 8.02 16.28
CA THR A 573 -22.32 8.44 16.67
C THR A 573 -23.12 7.22 17.10
N MET A 574 -24.32 7.47 17.64
CA MET A 574 -25.23 6.41 18.07
C MET A 574 -25.32 5.32 16.99
N ASP A 575 -25.10 4.07 17.38
CA ASP A 575 -25.07 2.96 16.42
C ASP A 575 -26.47 2.60 15.92
N GLY A 576 -26.73 2.91 14.65
CA GLY A 576 -28.04 2.71 14.05
C GLY A 576 -28.90 3.96 14.11
N GLU A 577 -28.25 5.11 14.20
CA GLU A 577 -28.93 6.41 14.28
C GLU A 577 -29.58 6.79 12.95
N TYR A 578 -28.93 6.39 11.86
CA TYR A 578 -29.36 6.79 10.51
C TYR A 578 -30.34 5.80 9.86
N ARG A 579 -30.86 4.86 10.64
CA ARG A 579 -31.85 3.90 10.14
C ARG A 579 -33.22 4.59 9.98
N LEU A 580 -33.85 4.37 8.83
CA LEU A 580 -35.05 5.12 8.44
C LEU A 580 -36.33 4.29 8.35
N ARG A 581 -37.46 4.97 8.53
CA ARG A 581 -38.80 4.36 8.51
C ARG A 581 -39.21 3.91 7.10
N GLY A 582 -40.10 2.93 7.04
CA GLY A 582 -40.55 2.29 5.79
C GLY A 582 -40.87 3.15 4.58
N GLU A 583 -41.34 4.38 4.83
CA GLU A 583 -41.66 5.31 3.74
C GLU A 583 -40.49 6.23 3.41
N GLU A 584 -39.77 6.67 4.45
CA GLU A 584 -38.58 7.52 4.29
C GLU A 584 -37.44 6.73 3.65
N ARG A 585 -37.25 5.50 4.11
CA ARG A 585 -36.16 4.63 3.66
C ARG A 585 -36.30 4.26 2.18
N LYS A 586 -37.51 3.99 1.75
CA LYS A 586 -37.79 3.64 0.36
C LYS A 586 -37.60 4.85 -0.55
N THR A 587 -37.89 6.04 0.00
CA THR A 587 -37.71 7.31 -0.71
C THR A 587 -36.23 7.68 -0.81
N PHE A 588 -35.48 7.41 0.26
CA PHE A 588 -34.02 7.61 0.30
C PHE A 588 -33.28 6.74 -0.72
N LEU A 589 -33.79 5.53 -0.92
CA LEU A 589 -33.22 4.56 -1.86
C LEU A 589 -33.41 4.99 -3.32
N GLU A 590 -34.50 5.70 -3.60
CA GLU A 590 -34.79 6.19 -4.94
C GLU A 590 -34.05 7.48 -5.25
N LEU A 591 -33.65 8.19 -4.20
CA LEU A 591 -32.89 9.43 -4.36
C LEU A 591 -31.42 9.17 -4.72
N ILE A 592 -30.91 8.00 -4.35
CA ILE A 592 -29.53 7.62 -4.69
C ILE A 592 -29.48 6.79 -5.98
N LYS A 593 -30.57 6.09 -6.29
CA LYS A 593 -30.65 5.24 -7.47
C LYS A 593 -31.19 5.99 -8.69
N THR A 594 -32.41 6.51 -8.59
CA THR A 594 -33.10 7.12 -9.73
C THR A 594 -32.62 8.56 -9.99
N ALA A 595 -32.43 9.33 -8.93
CA ALA A 595 -32.11 10.76 -9.06
C ALA A 595 -30.60 11.08 -9.02
N ASP A 596 -29.79 10.10 -8.63
CA ASP A 596 -28.33 10.25 -8.52
C ASP A 596 -27.90 11.42 -7.63
N LEU A 597 -28.41 11.42 -6.40
CA LEU A 597 -28.04 12.42 -5.40
C LEU A 597 -26.98 11.85 -4.45
N PRO A 598 -26.09 12.73 -3.92
CA PRO A 598 -25.12 12.29 -2.92
C PRO A 598 -25.82 11.73 -1.69
N VAL A 599 -25.16 10.78 -1.02
CA VAL A 599 -25.74 10.06 0.11
C VAL A 599 -26.15 11.00 1.26
N TRP A 600 -25.32 12.01 1.54
CA TRP A 600 -25.62 13.00 2.57
C TRP A 600 -26.88 13.81 2.22
N LEU A 601 -26.92 14.32 0.98
CA LEU A 601 -28.05 15.13 0.52
C LEU A 601 -29.36 14.34 0.46
N ALA A 602 -29.27 13.09 -0.01
CA ALA A 602 -30.43 12.20 -0.09
C ALA A 602 -30.98 11.85 1.29
N TYR A 603 -30.11 11.74 2.28
CA TYR A 603 -30.53 11.47 3.65
C TYR A 603 -31.31 12.65 4.23
N LYS A 604 -30.80 13.86 4.02
CA LYS A 604 -31.44 15.08 4.52
C LYS A 604 -32.88 15.23 4.03
N VAL A 605 -33.11 14.87 2.78
CA VAL A 605 -34.45 14.95 2.18
C VAL A 605 -35.41 13.95 2.84
N ALA A 606 -35.01 12.67 2.84
CA ALA A 606 -35.85 11.61 3.39
C ALA A 606 -36.03 11.74 4.91
N SER A 607 -34.94 12.07 5.61
CA SER A 607 -34.94 12.23 7.06
C SER A 607 -36.08 13.11 7.58
N ASN A 608 -36.22 14.29 7.00
CA ASN A 608 -37.25 15.25 7.40
C ASN A 608 -38.66 14.80 7.06
N GLY A 609 -38.78 13.85 6.12
CA GLY A 609 -40.07 13.26 5.76
C GLY A 609 -40.63 13.73 4.43
N ILE A 610 -39.77 14.23 3.56
CA ILE A 610 -40.16 14.68 2.24
C ILE A 610 -40.34 13.48 1.31
N GLN A 611 -41.39 13.53 0.49
CA GLN A 611 -41.69 12.45 -0.46
C GLN A 611 -40.84 12.62 -1.72
N TYR A 612 -40.78 11.57 -2.53
CA TYR A 612 -39.95 11.57 -3.74
C TYR A 612 -40.45 12.55 -4.81
N ASN A 613 -41.76 12.79 -4.84
CA ASN A 613 -42.35 13.70 -5.82
C ASN A 613 -42.24 15.18 -5.42
N ASP A 614 -42.31 15.44 -4.12
CA ASP A 614 -42.26 16.79 -3.57
C ASP A 614 -40.88 17.44 -3.77
N ARG A 615 -40.85 18.44 -4.65
CA ARG A 615 -39.60 19.13 -5.02
C ARG A 615 -39.44 20.48 -4.32
N LYS A 616 -40.40 20.81 -3.45
CA LYS A 616 -40.49 22.13 -2.82
C LYS A 616 -39.21 22.58 -2.11
N TRP A 617 -38.52 21.65 -1.45
CA TRP A 617 -37.32 21.97 -0.66
C TRP A 617 -36.21 22.65 -1.47
N CYS A 618 -36.26 22.51 -2.79
CA CYS A 618 -35.27 23.11 -3.69
C CYS A 618 -35.42 24.62 -3.83
N PHE A 619 -36.54 25.17 -3.34
CA PHE A 619 -36.87 26.58 -3.57
C PHE A 619 -37.30 27.34 -2.32
N ASP A 620 -37.52 26.62 -1.22
CA ASP A 620 -38.01 27.22 0.03
C ASP A 620 -36.93 27.32 1.11
N GLY A 621 -35.68 27.08 0.73
CA GLY A 621 -34.56 27.10 1.68
C GLY A 621 -34.24 28.50 2.21
N PRO A 622 -33.22 28.60 3.09
CA PRO A 622 -32.78 29.88 3.63
C PRO A 622 -32.27 30.81 2.54
N ARG A 623 -32.36 32.12 2.77
CA ARG A 623 -32.00 33.14 1.79
C ARG A 623 -30.51 33.15 1.42
N SER A 624 -29.69 32.58 2.30
CA SER A 624 -28.25 32.47 2.06
C SER A 624 -27.88 31.25 1.22
N ASN A 625 -28.81 30.30 1.13
CA ASN A 625 -28.59 29.03 0.42
C ASN A 625 -28.89 29.06 -1.08
N ILE A 626 -29.01 30.26 -1.65
CA ILE A 626 -29.32 30.41 -3.08
C ILE A 626 -28.15 29.96 -3.97
N ILE A 627 -28.46 29.22 -5.03
CA ILE A 627 -27.43 28.66 -5.91
C ILE A 627 -26.95 29.68 -6.96
N LEU A 628 -25.67 29.58 -7.29
CA LEU A 628 -25.00 30.53 -8.18
C LEU A 628 -24.33 29.82 -9.36
N GLU A 629 -24.37 30.46 -10.52
CA GLU A 629 -23.62 30.03 -11.71
C GLU A 629 -23.24 31.24 -12.55
N ASP A 630 -21.95 31.35 -12.84
CA ASP A 630 -21.37 32.48 -13.61
C ASP A 630 -21.57 33.82 -12.89
N ASN A 631 -21.63 33.76 -11.56
CA ASN A 631 -21.95 34.90 -10.71
C ASN A 631 -23.38 35.45 -10.87
N ASN A 632 -24.23 34.63 -11.51
CA ASN A 632 -25.64 34.96 -11.70
C ASN A 632 -26.55 33.90 -11.06
N GLU A 633 -27.83 34.23 -10.91
CA GLU A 633 -28.81 33.32 -10.32
C GLU A 633 -29.17 32.17 -11.28
N VAL A 634 -30.00 31.25 -10.80
CA VAL A 634 -30.39 30.07 -11.59
C VAL A 634 -31.78 29.56 -11.23
N GLU A 635 -32.65 29.45 -12.23
CA GLU A 635 -34.02 28.95 -12.04
C GLU A 635 -34.31 27.82 -13.02
N LYS A 647 -32.22 29.08 -2.39
CA LYS A 647 -32.86 28.02 -3.15
C LYS A 647 -33.12 26.77 -2.30
N PRO A 648 -32.17 25.81 -2.24
CA PRO A 648 -32.49 24.59 -1.50
C PRO A 648 -32.34 24.74 0.02
N ARG A 649 -32.92 23.80 0.76
CA ARG A 649 -32.84 23.79 2.23
C ARG A 649 -31.43 23.44 2.73
N TRP A 650 -30.76 22.54 2.02
CA TRP A 650 -29.40 22.10 2.37
C TRP A 650 -28.46 22.23 1.18
N LEU A 651 -27.19 22.49 1.46
CA LEU A 651 -26.20 22.67 0.41
C LEU A 651 -25.21 21.51 0.31
N ASP A 652 -24.96 21.09 -0.93
CA ASP A 652 -23.99 20.05 -1.24
C ASP A 652 -23.29 20.43 -2.54
N ALA A 653 -22.02 20.81 -2.42
CA ALA A 653 -21.22 21.33 -3.55
C ALA A 653 -21.14 20.41 -4.77
N ARG A 654 -21.23 19.09 -4.53
CA ARG A 654 -21.15 18.08 -5.58
C ARG A 654 -22.24 18.20 -6.66
N VAL A 655 -23.35 18.85 -6.33
CA VAL A 655 -24.45 19.03 -7.28
C VAL A 655 -24.52 20.42 -7.92
N TYR A 656 -23.66 21.34 -7.49
CA TYR A 656 -23.66 22.70 -8.04
C TYR A 656 -22.29 23.25 -8.46
N SER A 657 -21.22 22.53 -8.14
CA SER A 657 -19.85 23.02 -8.41
C SER A 657 -19.47 23.11 -9.89
N ASP A 658 -19.79 22.07 -10.66
CA ASP A 658 -19.46 22.07 -12.09
C ASP A 658 -20.73 22.09 -12.98
N HIS A 659 -20.54 22.49 -14.24
CA HIS A 659 -21.63 22.71 -15.18
C HIS A 659 -22.49 21.48 -15.48
N GLN A 660 -21.86 20.31 -15.63
CA GLN A 660 -22.56 19.06 -15.93
C GLN A 660 -23.54 18.65 -14.83
N SER A 661 -23.03 18.54 -13.60
CA SER A 661 -23.82 18.10 -12.45
C SER A 661 -24.92 19.08 -12.06
N LEU A 662 -24.62 20.38 -12.18
CA LEU A 662 -25.59 21.45 -11.91
C LEU A 662 -26.77 21.41 -12.88
N LYS A 663 -26.52 20.94 -14.10
CA LYS A 663 -27.54 20.80 -15.12
C LYS A 663 -28.51 19.65 -14.79
N TRP A 664 -27.98 18.59 -14.19
CA TRP A 664 -28.79 17.45 -13.77
C TRP A 664 -29.66 17.81 -12.56
N PHE A 665 -29.12 18.65 -11.69
CA PHE A 665 -29.80 19.08 -10.48
C PHE A 665 -31.01 19.96 -10.79
N LYS A 666 -30.88 20.82 -11.80
CA LYS A 666 -31.97 21.72 -12.21
C LYS A 666 -33.01 21.04 -13.12
N ASP A 667 -32.65 19.89 -13.68
CA ASP A 667 -33.61 19.03 -14.35
C ASP A 667 -34.42 18.28 -13.31
N PHE A 668 -33.73 17.75 -12.30
CA PHE A 668 -34.35 17.09 -11.14
C PHE A 668 -35.28 18.04 -10.40
N ALA A 669 -34.88 19.32 -10.33
CA ALA A 669 -35.67 20.35 -9.66
C ALA A 669 -36.96 20.67 -10.42
N ALA A 670 -36.85 20.89 -11.73
CA ALA A 670 -37.99 21.31 -12.55
C ALA A 670 -39.04 20.23 -12.76
N GLY A 671 -38.59 19.01 -13.05
CA GLY A 671 -39.49 17.88 -13.28
C GLY A 671 -38.77 16.63 -13.74
N LYS A 672 -39.08 15.51 -13.11
CA LYS A 672 -38.47 14.22 -13.44
C LYS A 672 -39.16 13.09 -12.68
#